data_4C5D
#
_entry.id   4C5D
#
_cell.length_a   64.138
_cell.length_b   64.138
_cell.length_c   132.376
_cell.angle_alpha   90.00
_cell.angle_beta   90.00
_cell.angle_gamma   120.00
#
_symmetry.space_group_name_H-M   'P 32 2 1'
#
loop_
_entity.id
_entity.type
_entity.pdbx_description
1 polymer 'BCL-2-LIKE PROTEIN 1'
2 non-polymer '(R)-3-(4-BROMOBENZYLTHIO)-2-(3-(3-((2,4-DIFLUOROPHENYL)ETHYNYL)BENZOYL)-3-PROPYLUREIDO)PROPANOIC ACID'
3 non-polymer 'SULFATE ION'
4 non-polymer 1,2-ETHANEDIOL
5 water water
#
_entity_poly.entity_id   1
_entity_poly.type   'polypeptide(L)'
_entity_poly.pdbx_seq_one_letter_code
;GPLGSMSQSNRELVVDFLSYKLSQKGYSWSQMAAVKQALREAGDEFELRYRRAFSDLTSQLHITPGTAYQSFEQVVNELF
RDGVNWGRIVAFFSFGGALCVESVDKEMQVLVSRIAAWMATYLNDHLEPWIQENGGWDTFVELYGNNAAAESRKGQER
;
_entity_poly.pdbx_strand_id   A,B
#
# COMPACT_ATOMS: atom_id res chain seq x y z
N GLY A 1 15.85 1.00 4.24
CA GLY A 1 14.46 1.38 4.38
C GLY A 1 13.91 1.12 5.77
N PRO A 2 12.62 1.46 5.98
CA PRO A 2 11.94 1.19 7.26
C PRO A 2 11.94 -0.33 7.49
N LEU A 3 11.76 -0.79 8.73
CA LEU A 3 11.79 -2.22 9.01
C LEU A 3 10.43 -2.87 8.70
N GLY A 4 10.41 -3.67 7.65
CA GLY A 4 9.22 -4.44 7.31
C GLY A 4 9.27 -5.86 7.86
N SER A 5 8.22 -6.62 7.56
CA SER A 5 8.08 -8.00 7.97
C SER A 5 9.03 -8.94 7.21
N MET A 6 9.27 -8.66 5.94
CA MET A 6 10.11 -9.53 5.12
C MET A 6 11.39 -8.87 4.57
N SER A 7 11.53 -7.56 4.73
CA SER A 7 12.71 -6.84 4.25
C SER A 7 12.62 -5.42 4.73
N GLN A 8 13.68 -4.65 4.57
CA GLN A 8 13.68 -3.25 4.92
C GLN A 8 14.08 -2.44 3.69
N SER A 9 13.44 -2.74 2.56
CA SER A 9 13.81 -2.22 1.24
C SER A 9 13.42 -0.73 1.03
N ASN A 10 14.33 0.07 0.45
CA ASN A 10 13.98 1.43 0.01
C ASN A 10 13.08 1.48 -1.22
N ARG A 11 13.37 0.64 -2.21
CA ARG A 11 12.52 0.45 -3.40
C ARG A 11 11.04 0.19 -3.06
N GLU A 12 10.82 -0.68 -2.09
CA GLU A 12 9.49 -1.01 -1.62
C GLU A 12 8.74 0.24 -1.16
N LEU A 13 9.39 1.12 -0.44
CA LEU A 13 8.70 2.35 -0.04
C LEU A 13 8.43 3.25 -1.23
N VAL A 14 9.42 3.40 -2.11
CA VAL A 14 9.24 4.19 -3.30
C VAL A 14 8.08 3.63 -4.11
N VAL A 15 8.10 2.31 -4.31
CA VAL A 15 7.13 1.71 -5.22
C VAL A 15 5.72 1.90 -4.67
N ASP A 16 5.58 1.86 -3.36
CA ASP A 16 4.27 2.02 -2.78
C ASP A 16 3.80 3.44 -3.03
N PHE A 17 4.69 4.40 -2.88
CA PHE A 17 4.33 5.79 -3.10
C PHE A 17 3.92 6.11 -4.55
N LEU A 18 4.64 5.56 -5.51
CA LEU A 18 4.34 5.82 -6.92
C LEU A 18 3.04 5.13 -7.34
N SER A 19 2.82 3.94 -6.81
CA SER A 19 1.58 3.21 -7.06
C SER A 19 0.36 4.03 -6.68
N TYR A 20 0.40 4.55 -5.45
CA TYR A 20 -0.64 5.40 -4.92
C TYR A 20 -0.89 6.56 -5.87
N LYS A 21 0.17 7.31 -6.17
CA LYS A 21 0.06 8.50 -7.00
C LYS A 21 -0.38 8.18 -8.43
N LEU A 22 0.07 7.06 -8.99
CA LEU A 22 -0.39 6.68 -10.33
C LEU A 22 -1.91 6.43 -10.27
N SER A 23 -2.34 5.74 -9.22
CA SER A 23 -3.75 5.39 -9.09
C SER A 23 -4.61 6.64 -8.95
N GLN A 24 -4.13 7.66 -8.26
CA GLN A 24 -4.94 8.88 -8.15
C GLN A 24 -5.21 9.55 -9.49
N LYS A 25 -4.51 9.14 -10.54
CA LYS A 25 -4.69 9.74 -11.85
C LYS A 25 -5.36 8.83 -12.88
N GLY A 26 -5.85 7.68 -12.43
CA GLY A 26 -6.45 6.70 -13.32
C GLY A 26 -5.45 5.72 -13.90
N TYR A 27 -4.23 5.68 -13.36
CA TYR A 27 -3.18 4.78 -13.86
C TYR A 27 -2.90 3.70 -12.84
N SER A 28 -2.04 2.74 -13.21
CA SER A 28 -1.58 1.68 -12.30
C SER A 28 -0.06 1.41 -12.35
N TRP A 29 0.56 1.20 -11.19
CA TRP A 29 1.92 0.74 -11.21
C TRP A 29 1.94 -0.64 -11.89
N SER A 30 0.93 -1.46 -11.60
CA SER A 30 0.85 -2.82 -12.13
C SER A 30 -0.51 -3.40 -11.89
N GLN A 31 -0.70 -4.62 -12.38
CA GLN A 31 -1.95 -5.36 -12.23
C GLN A 31 -2.28 -5.60 -10.76
N MET A 32 -1.29 -6.06 -9.99
CA MET A 32 -1.39 -6.20 -8.54
C MET A 32 -1.78 -4.88 -7.84
N ALA A 33 -1.05 -3.81 -8.12
CA ALA A 33 -1.42 -2.50 -7.60
C ALA A 33 -2.90 -2.15 -7.88
N ALA A 34 -3.40 -2.54 -9.04
CA ALA A 34 -4.75 -2.16 -9.44
C ALA A 34 -5.74 -2.97 -8.64
N VAL A 35 -5.40 -4.23 -8.41
CA VAL A 35 -6.21 -5.13 -7.63
C VAL A 35 -6.26 -4.68 -6.20
N LYS A 36 -5.10 -4.38 -5.65
CA LYS A 36 -5.00 -3.90 -4.28
C LYS A 36 -5.89 -2.70 -4.10
N GLN A 37 -5.80 -1.76 -5.03
CA GLN A 37 -6.53 -0.52 -4.90
C GLN A 37 -8.05 -0.77 -5.03
N ALA A 38 -8.47 -1.55 -6.01
CA ALA A 38 -9.90 -1.81 -6.18
C ALA A 38 -10.46 -2.45 -4.91
N LEU A 39 -9.64 -3.29 -4.29
CA LEU A 39 -10.11 -4.05 -3.15
C LEU A 39 -10.25 -3.16 -1.90
N ARG A 40 -9.31 -2.22 -1.73
CA ARG A 40 -9.41 -1.23 -0.63
C ARG A 40 -10.69 -0.44 -0.81
N GLU A 41 -10.89 0.04 -2.03
CA GLU A 41 -12.07 0.79 -2.34
C GLU A 41 -13.34 -0.04 -2.07
N ALA A 42 -13.35 -1.30 -2.49
CA ALA A 42 -14.54 -2.11 -2.32
C ALA A 42 -14.83 -2.38 -0.85
N GLY A 43 -13.75 -2.53 -0.06
CA GLY A 43 -13.84 -2.77 1.37
C GLY A 43 -14.42 -1.54 2.06
N ASP A 44 -13.92 -0.36 1.70
CA ASP A 44 -14.43 0.89 2.26
C ASP A 44 -15.94 1.04 2.07
N GLU A 45 -16.42 0.74 0.86
CA GLU A 45 -17.84 0.90 0.56
C GLU A 45 -18.65 -0.12 1.31
N PHE A 46 -18.09 -1.32 1.46
CA PHE A 46 -18.84 -2.40 2.09
C PHE A 46 -19.02 -2.10 3.57
N GLU A 47 -17.93 -1.63 4.18
CA GLU A 47 -17.94 -1.37 5.61
C GLU A 47 -18.85 -0.19 5.97
N LEU A 48 -18.94 0.81 5.11
CA LEU A 48 -19.84 1.92 5.40
C LEU A 48 -21.30 1.50 5.20
N ARG A 49 -21.56 0.78 4.12
CA ARG A 49 -22.92 0.39 3.83
C ARG A 49 -23.43 -0.58 4.88
N TYR A 50 -22.68 -1.65 5.10
CA TYR A 50 -23.11 -2.65 6.08
C TYR A 50 -22.48 -2.42 7.46
N ARG A 51 -22.35 -1.14 7.82
CA ARG A 51 -21.74 -0.74 9.10
C ARG A 51 -22.39 -1.39 10.32
N ARG A 52 -23.69 -1.59 10.26
CA ARG A 52 -24.42 -2.11 11.41
C ARG A 52 -23.95 -3.51 11.83
N ALA A 53 -23.34 -4.24 10.90
CA ALA A 53 -22.90 -5.61 11.12
C ALA A 53 -21.51 -5.73 11.75
N PHE A 54 -20.87 -4.59 12.03
CA PHE A 54 -19.47 -4.59 12.46
C PHE A 54 -19.26 -4.29 13.94
N SER A 55 -20.05 -4.91 14.80
CA SER A 55 -19.85 -4.70 16.22
C SER A 55 -19.58 -6.03 16.91
N ASP A 56 -18.65 -5.99 17.85
CA ASP A 56 -18.24 -7.17 18.61
C ASP A 56 -18.09 -8.40 17.69
N LEU A 57 -17.26 -8.26 16.66
CA LEU A 57 -17.02 -9.34 15.74
C LEU A 57 -16.15 -10.45 16.37
N THR A 58 -15.26 -10.08 17.28
CA THR A 58 -14.41 -11.07 17.95
C THR A 58 -15.30 -12.09 18.66
N SER A 59 -16.42 -11.60 19.20
CA SER A 59 -17.40 -12.45 19.84
C SER A 59 -18.38 -13.16 18.89
N GLN A 60 -19.02 -12.41 18.01
CA GLN A 60 -19.97 -13.02 17.09
C GLN A 60 -19.33 -14.05 16.16
N LEU A 61 -18.04 -13.86 15.87
CA LEU A 61 -17.31 -14.74 14.98
C LEU A 61 -16.27 -15.58 15.70
N HIS A 62 -16.30 -15.53 17.04
CA HIS A 62 -15.49 -16.40 17.88
C HIS A 62 -14.00 -16.47 17.53
N ILE A 63 -13.40 -15.34 17.22
CA ILE A 63 -11.96 -15.29 16.99
C ILE A 63 -11.25 -14.66 18.18
N THR A 64 -10.65 -15.51 19.00
CA THR A 64 -9.99 -15.05 20.20
C THR A 64 -8.49 -15.43 20.13
N PRO A 65 -7.71 -14.98 21.12
CA PRO A 65 -6.32 -15.47 21.08
C PRO A 65 -6.33 -16.96 21.42
N GLY A 66 -5.49 -17.74 20.74
CA GLY A 66 -5.48 -19.17 20.91
C GLY A 66 -6.41 -19.92 19.96
N THR A 67 -7.16 -19.18 19.14
CA THR A 67 -7.97 -19.80 18.10
C THR A 67 -7.06 -20.54 17.10
N ALA A 68 -7.50 -21.71 16.66
CA ALA A 68 -6.81 -22.49 15.65
C ALA A 68 -7.42 -22.20 14.29
N TYR A 69 -6.69 -22.50 13.21
CA TYR A 69 -7.20 -22.24 11.85
C TYR A 69 -8.48 -23.03 11.53
N GLN A 70 -8.53 -24.28 11.96
CA GLN A 70 -9.68 -25.14 11.70
C GLN A 70 -10.99 -24.48 12.19
N SER A 71 -10.92 -23.84 13.35
CA SER A 71 -12.01 -23.05 13.90
C SER A 71 -12.38 -21.87 12.97
N PHE A 72 -11.36 -21.09 12.63
CA PHE A 72 -11.48 -20.00 11.67
C PHE A 72 -12.12 -20.44 10.34
N GLU A 73 -11.63 -21.55 9.81
CA GLU A 73 -12.15 -22.11 8.57
C GLU A 73 -13.62 -22.46 8.73
N GLN A 74 -13.96 -23.02 9.87
CA GLN A 74 -15.35 -23.33 10.22
C GLN A 74 -16.26 -22.07 10.22
N VAL A 75 -15.80 -20.97 10.81
CA VAL A 75 -16.62 -19.77 10.81
C VAL A 75 -16.76 -19.16 9.42
N VAL A 76 -15.65 -19.09 8.69
CA VAL A 76 -15.68 -18.45 7.38
C VAL A 76 -16.53 -19.27 6.39
N ASN A 77 -16.53 -20.58 6.57
CA ASN A 77 -17.37 -21.42 5.74
C ASN A 77 -18.82 -20.98 5.74
N GLU A 78 -19.28 -20.45 6.86
CA GLU A 78 -20.68 -20.09 6.94
C GLU A 78 -20.93 -18.91 6.04
N LEU A 79 -19.92 -18.08 5.84
CA LEU A 79 -20.12 -16.88 5.03
C LEU A 79 -20.32 -17.28 3.58
N PHE A 80 -19.68 -18.37 3.17
CA PHE A 80 -19.71 -18.77 1.76
C PHE A 80 -20.63 -19.98 1.64
N ARG A 81 -21.44 -20.18 2.68
CA ARG A 81 -22.30 -21.35 2.74
C ARG A 81 -23.09 -21.55 1.45
N ASP A 82 -23.74 -20.48 0.96
CA ASP A 82 -24.50 -20.56 -0.27
C ASP A 82 -23.73 -20.28 -1.54
N GLY A 83 -22.41 -20.40 -1.50
CA GLY A 83 -21.66 -20.22 -2.72
C GLY A 83 -20.73 -19.03 -2.64
N VAL A 84 -19.70 -19.04 -3.48
CA VAL A 84 -18.79 -17.92 -3.60
C VAL A 84 -19.23 -16.97 -4.72
N ASN A 85 -19.00 -15.68 -4.47
CA ASN A 85 -19.11 -14.65 -5.50
C ASN A 85 -18.24 -13.50 -5.04
N TRP A 86 -18.09 -12.50 -5.89
CA TRP A 86 -17.16 -11.41 -5.58
C TRP A 86 -17.61 -10.57 -4.35
N GLY A 87 -18.92 -10.36 -4.21
CA GLY A 87 -19.45 -9.75 -3.01
C GLY A 87 -19.06 -10.45 -1.72
N ARG A 88 -19.28 -11.75 -1.65
CA ARG A 88 -18.90 -12.50 -0.45
C ARG A 88 -17.40 -12.41 -0.22
N ILE A 89 -16.63 -12.31 -1.29
CA ILE A 89 -15.18 -12.23 -1.09
C ILE A 89 -14.78 -10.85 -0.52
N VAL A 90 -15.50 -9.79 -0.94
CA VAL A 90 -15.24 -8.48 -0.36
C VAL A 90 -15.56 -8.54 1.14
N ALA A 91 -16.74 -9.08 1.46
CA ALA A 91 -17.16 -9.30 2.84
C ALA A 91 -16.07 -9.98 3.68
N PHE A 92 -15.52 -11.04 3.11
CA PHE A 92 -14.45 -11.78 3.73
C PHE A 92 -13.26 -10.86 4.11
N PHE A 93 -12.83 -10.01 3.19
CA PHE A 93 -11.72 -9.09 3.49
C PHE A 93 -12.10 -8.09 4.57
N SER A 94 -13.25 -7.45 4.39
CA SER A 94 -13.71 -6.47 5.35
C SER A 94 -13.85 -7.05 6.77
N PHE A 95 -14.51 -8.18 6.90
CA PHE A 95 -14.65 -8.78 8.22
C PHE A 95 -13.29 -9.07 8.86
N GLY A 96 -12.35 -9.56 8.06
CA GLY A 96 -11.02 -9.86 8.57
C GLY A 96 -10.28 -8.58 8.95
N GLY A 97 -10.51 -7.50 8.19
CA GLY A 97 -9.93 -6.23 8.56
C GLY A 97 -10.52 -5.74 9.89
N ALA A 98 -11.83 -5.81 10.04
CA ALA A 98 -12.48 -5.29 11.26
C ALA A 98 -12.08 -6.09 12.50
N LEU A 99 -11.90 -7.39 12.30
CA LEU A 99 -11.36 -8.30 13.33
C LEU A 99 -9.97 -7.86 13.81
N CYS A 100 -9.06 -7.61 12.87
CA CYS A 100 -7.75 -7.07 13.23
C CYS A 100 -7.88 -5.73 13.98
N VAL A 101 -8.77 -4.86 13.52
CA VAL A 101 -8.88 -3.56 14.14
C VAL A 101 -9.39 -3.75 15.55
N GLU A 102 -10.42 -4.61 15.66
CA GLU A 102 -10.98 -4.93 16.97
C GLU A 102 -9.89 -5.52 17.90
N SER A 103 -9.03 -6.37 17.34
CA SER A 103 -7.96 -6.97 18.12
C SER A 103 -7.01 -5.95 18.71
N VAL A 104 -6.48 -5.04 17.90
CA VAL A 104 -5.58 -4.04 18.46
C VAL A 104 -6.25 -3.21 19.57
N ASP A 105 -7.54 -2.95 19.41
CA ASP A 105 -8.28 -2.12 20.38
C ASP A 105 -8.20 -2.76 21.72
N LYS A 106 -8.21 -4.08 21.73
CA LYS A 106 -8.41 -4.84 22.97
C LYS A 106 -7.07 -5.33 23.49
N GLU A 107 -6.02 -4.74 22.95
CA GLU A 107 -4.64 -5.11 23.27
C GLU A 107 -4.43 -6.60 23.02
N MET A 108 -4.93 -7.03 21.87
CA MET A 108 -4.72 -8.36 21.35
C MET A 108 -4.06 -8.22 19.97
N GLN A 109 -3.06 -7.35 19.86
CA GLN A 109 -2.33 -7.13 18.61
C GLN A 109 -1.68 -8.43 18.13
N VAL A 110 -1.62 -9.40 19.03
CA VAL A 110 -0.97 -10.67 18.72
C VAL A 110 -1.80 -11.44 17.69
N LEU A 111 -3.09 -11.15 17.65
CA LEU A 111 -4.01 -11.84 16.76
C LEU A 111 -3.82 -11.44 15.31
N VAL A 112 -3.32 -10.22 15.09
CA VAL A 112 -3.31 -9.62 13.76
C VAL A 112 -2.53 -10.43 12.73
N SER A 113 -1.30 -10.80 13.03
CA SER A 113 -0.53 -11.55 12.04
C SER A 113 -1.09 -12.98 11.88
N ARG A 114 -1.75 -13.47 12.94
CA ARG A 114 -2.39 -14.76 12.89
C ARG A 114 -3.61 -14.73 11.98
N ILE A 115 -4.43 -13.68 12.09
CA ILE A 115 -5.56 -13.49 11.18
C ILE A 115 -5.11 -13.39 9.71
N ALA A 116 -4.03 -12.64 9.45
CA ALA A 116 -3.46 -12.52 8.12
C ALA A 116 -3.18 -13.89 7.56
N ALA A 117 -2.44 -14.68 8.32
CA ALA A 117 -2.01 -16.00 7.86
C ALA A 117 -3.19 -16.94 7.61
N TRP A 118 -4.27 -16.81 8.39
CA TRP A 118 -5.48 -17.62 8.24
C TRP A 118 -6.27 -17.19 7.02
N MET A 119 -6.35 -15.88 6.80
CA MET A 119 -7.02 -15.38 5.63
C MET A 119 -6.29 -15.86 4.35
N ALA A 120 -4.97 -15.71 4.32
CA ALA A 120 -4.19 -16.16 3.18
C ALA A 120 -4.41 -17.65 2.97
N THR A 121 -4.39 -18.42 4.07
CA THR A 121 -4.62 -19.86 3.97
C THR A 121 -5.97 -20.21 3.35
N TYR A 122 -7.03 -19.56 3.85
CA TYR A 122 -8.39 -19.82 3.40
C TYR A 122 -8.56 -19.45 1.94
N LEU A 123 -8.01 -18.31 1.56
CA LEU A 123 -8.02 -17.91 0.16
C LEU A 123 -7.46 -19.01 -0.72
N ASN A 124 -6.23 -19.40 -0.42
CA ASN A 124 -5.53 -20.42 -1.18
C ASN A 124 -6.26 -21.74 -1.33
N ASP A 125 -6.81 -22.23 -0.22
CA ASP A 125 -7.42 -23.55 -0.25
C ASP A 125 -8.88 -23.51 -0.71
N HIS A 126 -9.63 -22.47 -0.32
CA HIS A 126 -11.08 -22.46 -0.57
C HIS A 126 -11.55 -21.52 -1.68
N LEU A 127 -10.86 -20.40 -1.87
CA LEU A 127 -11.35 -19.38 -2.78
C LEU A 127 -10.61 -19.35 -4.13
N GLU A 128 -9.32 -19.70 -4.14
CA GLU A 128 -8.52 -19.59 -5.37
C GLU A 128 -9.10 -20.25 -6.60
N PRO A 129 -9.62 -21.47 -6.46
CA PRO A 129 -10.01 -22.06 -7.74
C PRO A 129 -11.24 -21.35 -8.30
N TRP A 130 -12.14 -20.91 -7.44
CA TRP A 130 -13.32 -20.18 -7.92
C TRP A 130 -12.90 -18.86 -8.61
N ILE A 131 -11.91 -18.19 -8.01
CA ILE A 131 -11.36 -16.95 -8.51
C ILE A 131 -10.75 -17.14 -9.89
N GLN A 132 -9.95 -18.19 -10.05
CA GLN A 132 -9.28 -18.45 -11.32
C GLN A 132 -10.34 -18.71 -12.36
N GLU A 133 -11.24 -19.63 -12.02
CA GLU A 133 -12.26 -20.08 -12.94
C GLU A 133 -13.13 -18.91 -13.41
N ASN A 134 -13.18 -17.87 -12.58
CA ASN A 134 -14.02 -16.71 -12.84
C ASN A 134 -13.27 -15.50 -13.37
N GLY A 135 -12.13 -15.74 -14.00
CA GLY A 135 -11.46 -14.72 -14.78
C GLY A 135 -10.34 -14.06 -14.02
N GLY A 136 -10.18 -14.47 -12.75
CA GLY A 136 -9.11 -13.99 -11.90
C GLY A 136 -9.42 -12.65 -11.28
N TRP A 137 -8.46 -12.10 -10.58
CA TRP A 137 -8.65 -10.79 -9.97
C TRP A 137 -8.77 -9.73 -11.03
N ASP A 138 -8.29 -10.04 -12.23
CA ASP A 138 -8.43 -9.17 -13.39
C ASP A 138 -9.90 -8.86 -13.61
N THR A 139 -10.75 -9.83 -13.33
CA THR A 139 -12.17 -9.62 -13.52
C THR A 139 -12.75 -8.77 -12.38
N PHE A 140 -12.22 -8.99 -11.20
CA PHE A 140 -12.65 -8.20 -10.06
C PHE A 140 -12.39 -6.71 -10.34
N VAL A 141 -11.22 -6.42 -10.89
CA VAL A 141 -10.81 -5.06 -11.17
C VAL A 141 -11.75 -4.43 -12.19
N GLU A 142 -12.16 -5.21 -13.18
CA GLU A 142 -12.99 -4.72 -14.27
C GLU A 142 -14.45 -4.51 -13.80
N LEU A 143 -14.89 -5.33 -12.86
CA LEU A 143 -16.26 -5.19 -12.41
C LEU A 143 -16.40 -4.11 -11.36
N TYR A 144 -15.33 -3.90 -10.58
CA TYR A 144 -15.34 -2.98 -9.44
C TYR A 144 -14.62 -1.64 -9.72
N GLY A 145 -13.30 -1.60 -9.52
CA GLY A 145 -12.52 -0.41 -9.76
C GLY A 145 -12.77 0.29 -11.09
N LEU B 3 8.69 -11.19 -13.75
CA LEU B 3 8.52 -12.41 -12.95
C LEU B 3 7.33 -12.33 -11.98
N GLY B 4 6.50 -13.37 -11.95
CA GLY B 4 5.33 -13.38 -11.08
C GLY B 4 5.39 -14.41 -9.97
N SER B 5 4.49 -14.28 -9.00
CA SER B 5 4.42 -15.18 -7.84
C SER B 5 2.99 -15.33 -7.33
N MET B 6 2.34 -16.47 -7.58
CA MET B 6 0.88 -16.55 -7.40
C MET B 6 0.31 -16.95 -6.03
N SER B 7 1.05 -17.74 -5.23
CA SER B 7 0.55 -18.07 -3.89
C SER B 7 0.84 -16.93 -2.93
N GLN B 8 1.87 -16.18 -3.24
CA GLN B 8 2.17 -14.94 -2.51
C GLN B 8 1.15 -13.88 -2.81
N SER B 9 0.60 -13.94 -4.02
CA SER B 9 -0.38 -12.99 -4.50
C SER B 9 -1.55 -12.80 -3.55
N ASN B 10 -2.17 -13.91 -3.16
CA ASN B 10 -3.21 -13.85 -2.15
C ASN B 10 -2.70 -13.33 -0.78
N ARG B 11 -1.54 -13.80 -0.33
CA ARG B 11 -0.95 -13.30 0.91
C ARG B 11 -0.69 -11.79 0.82
N GLU B 12 -0.31 -11.34 -0.38
CA GLU B 12 0.08 -9.97 -0.59
C GLU B 12 -1.15 -9.06 -0.50
N LEU B 13 -2.24 -9.45 -1.18
CA LEU B 13 -3.53 -8.79 -1.02
C LEU B 13 -3.96 -8.70 0.43
N VAL B 14 -3.75 -9.78 1.16
CA VAL B 14 -4.22 -9.79 2.54
C VAL B 14 -3.53 -8.66 3.32
N VAL B 15 -2.21 -8.69 3.34
CA VAL B 15 -1.41 -7.77 4.11
C VAL B 15 -1.67 -6.31 3.70
N ASP B 16 -1.95 -6.11 2.42
CA ASP B 16 -2.17 -4.80 1.91
C ASP B 16 -3.50 -4.30 2.44
N PHE B 17 -4.53 -5.14 2.33
CA PHE B 17 -5.83 -4.73 2.80
C PHE B 17 -5.83 -4.51 4.31
N LEU B 18 -5.28 -5.44 5.08
CA LEU B 18 -5.20 -5.27 6.53
C LEU B 18 -4.38 -4.05 6.93
N SER B 19 -3.24 -3.82 6.27
CA SER B 19 -2.50 -2.57 6.44
C SER B 19 -3.37 -1.37 6.27
N TYR B 20 -4.12 -1.34 5.17
CA TYR B 20 -5.01 -0.21 4.88
C TYR B 20 -6.02 -0.01 6.00
N LYS B 21 -6.68 -1.10 6.43
CA LYS B 21 -7.78 -0.94 7.42
C LYS B 21 -7.28 -0.61 8.83
N LEU B 22 -6.09 -1.13 9.18
CA LEU B 22 -5.47 -0.77 10.43
C LEU B 22 -5.11 0.73 10.45
N SER B 23 -4.52 1.21 9.37
CA SER B 23 -4.08 2.61 9.34
C SER B 23 -5.24 3.58 9.45
N GLN B 24 -6.43 3.14 9.08
CA GLN B 24 -7.59 4.01 9.11
C GLN B 24 -8.01 4.23 10.55
N LYS B 25 -7.56 3.35 11.43
CA LYS B 25 -7.80 3.55 12.85
C LYS B 25 -6.51 3.94 13.60
N GLY B 26 -5.50 4.42 12.88
CA GLY B 26 -4.24 4.83 13.50
C GLY B 26 -3.36 3.70 14.01
N TYR B 27 -3.63 2.50 13.52
CA TYR B 27 -2.82 1.34 13.85
C TYR B 27 -1.91 1.00 12.65
N SER B 28 -0.84 0.24 12.88
CA SER B 28 0.01 -0.08 11.77
C SER B 28 0.53 -1.51 11.82
N TRP B 29 0.39 -2.16 10.69
CA TRP B 29 0.89 -3.48 10.45
C TRP B 29 2.39 -3.62 10.82
N SER B 30 3.20 -2.63 10.46
CA SER B 30 4.64 -2.65 10.73
C SER B 30 5.20 -1.22 10.61
N GLN B 31 6.48 -1.03 10.94
CA GLN B 31 7.11 0.28 10.73
C GLN B 31 7.02 0.67 9.26
N MET B 32 7.41 -0.25 8.36
CA MET B 32 7.33 -0.03 6.92
C MET B 32 5.94 0.39 6.49
N ALA B 33 4.92 -0.15 7.15
CA ALA B 33 3.55 0.15 6.76
C ALA B 33 3.17 1.55 7.26
N ALA B 34 3.61 1.84 8.48
CA ALA B 34 3.42 3.17 9.01
C ALA B 34 4.10 4.24 8.11
N VAL B 35 5.31 3.96 7.62
CA VAL B 35 6.05 4.96 6.82
C VAL B 35 5.33 5.19 5.50
N LYS B 36 4.80 4.12 4.95
CA LYS B 36 4.02 4.18 3.72
C LYS B 36 2.76 5.05 3.89
N GLN B 37 1.95 4.77 4.89
CA GLN B 37 0.75 5.59 5.10
C GLN B 37 1.15 7.07 5.29
N ALA B 38 2.10 7.31 6.19
CA ALA B 38 2.62 8.65 6.47
C ALA B 38 3.09 9.37 5.22
N LEU B 39 3.87 8.68 4.41
CA LEU B 39 4.43 9.31 3.22
C LEU B 39 3.36 9.64 2.19
N ARG B 40 2.43 8.69 1.96
CA ARG B 40 1.30 8.94 1.06
C ARG B 40 0.55 10.19 1.50
N GLU B 41 0.34 10.29 2.81
CA GLU B 41 -0.41 11.40 3.37
C GLU B 41 0.36 12.72 3.22
N ALA B 42 1.63 12.70 3.61
CA ALA B 42 2.49 13.85 3.48
C ALA B 42 2.50 14.32 2.02
N GLY B 43 2.54 13.38 1.10
CA GLY B 43 2.51 13.69 -0.33
C GLY B 43 1.23 14.34 -0.78
N ASP B 44 0.09 13.80 -0.35
CA ASP B 44 -1.20 14.38 -0.68
C ASP B 44 -1.22 15.84 -0.28
N GLU B 45 -0.84 16.11 0.97
CA GLU B 45 -0.84 17.47 1.49
C GLU B 45 0.07 18.31 0.70
N PHE B 46 1.26 17.79 0.38
CA PHE B 46 2.25 18.54 -0.39
C PHE B 46 1.66 18.98 -1.75
N GLU B 47 1.13 18.02 -2.50
CA GLU B 47 0.51 18.27 -3.79
C GLU B 47 -0.65 19.28 -3.71
N LEU B 48 -1.43 19.23 -2.63
CA LEU B 48 -2.53 20.16 -2.50
C LEU B 48 -2.06 21.63 -2.45
N ARG B 49 -0.91 21.84 -1.82
CA ARG B 49 -0.39 23.16 -1.54
C ARG B 49 0.47 23.71 -2.69
N TYR B 50 1.12 22.83 -3.43
CA TYR B 50 2.11 23.24 -4.40
C TYR B 50 1.81 22.70 -5.77
N ARG B 51 0.53 22.52 -6.06
CA ARG B 51 0.10 21.99 -7.37
C ARG B 51 0.76 22.78 -8.52
N ARG B 52 0.92 24.08 -8.30
CA ARG B 52 1.49 25.00 -9.29
C ARG B 52 2.85 24.58 -9.82
N ALA B 53 3.57 23.78 -9.05
CA ALA B 53 4.91 23.38 -9.43
C ALA B 53 4.92 22.15 -10.33
N PHE B 54 3.77 21.50 -10.49
CA PHE B 54 3.70 20.21 -11.20
C PHE B 54 3.27 20.25 -12.68
N SER B 55 3.30 21.42 -13.33
CA SER B 55 2.88 21.51 -14.73
C SER B 55 4.08 21.52 -15.67
N ASP B 56 4.09 20.56 -16.58
CA ASP B 56 5.19 20.35 -17.54
C ASP B 56 6.54 20.11 -16.89
N LEU B 57 6.61 19.07 -16.06
CA LEU B 57 7.85 18.72 -15.37
C LEU B 57 8.86 18.12 -16.31
N THR B 58 8.37 17.33 -17.26
CA THR B 58 9.22 16.65 -18.24
C THR B 58 10.22 17.59 -18.91
N SER B 59 9.73 18.69 -19.47
CA SER B 59 10.54 19.64 -20.23
C SER B 59 11.49 20.46 -19.37
N GLN B 60 11.27 20.43 -18.06
CA GLN B 60 12.06 21.27 -17.18
C GLN B 60 13.11 20.50 -16.39
N LEU B 61 12.83 19.23 -16.09
CA LEU B 61 13.76 18.42 -15.30
C LEU B 61 14.82 17.69 -16.14
N HIS B 62 14.63 17.67 -17.45
CA HIS B 62 15.59 17.03 -18.34
C HIS B 62 15.95 15.58 -17.94
N ILE B 63 14.93 14.78 -17.66
CA ILE B 63 15.09 13.36 -17.31
C ILE B 63 14.32 12.51 -18.32
N THR B 64 15.04 11.70 -19.09
CA THR B 64 14.43 10.91 -20.14
C THR B 64 14.75 9.45 -19.87
N PRO B 65 14.22 8.53 -20.67
CA PRO B 65 14.66 7.13 -20.54
C PRO B 65 16.18 6.89 -20.64
N GLY B 66 16.89 7.60 -21.51
CA GLY B 66 18.32 7.40 -21.59
C GLY B 66 19.19 8.21 -20.62
N THR B 67 18.56 8.82 -19.64
CA THR B 67 19.26 9.60 -18.64
C THR B 67 20.12 8.67 -17.81
N ALA B 68 21.36 9.07 -17.53
CA ALA B 68 22.21 8.34 -16.57
C ALA B 68 21.83 8.73 -15.15
N TYR B 69 21.83 7.75 -14.25
CA TYR B 69 21.63 8.02 -12.83
C TYR B 69 22.45 9.19 -12.28
N GLN B 70 23.69 9.34 -12.73
CA GLN B 70 24.45 10.49 -12.26
C GLN B 70 23.75 11.80 -12.63
N SER B 71 23.13 11.84 -13.80
N SER B 71 23.11 11.84 -13.79
CA SER B 71 22.40 13.04 -14.21
CA SER B 71 22.40 13.05 -14.19
C SER B 71 21.13 13.23 -13.38
C SER B 71 21.10 13.24 -13.41
N PHE B 72 20.40 12.13 -13.17
CA PHE B 72 19.27 12.12 -12.26
C PHE B 72 19.65 12.68 -10.88
N GLU B 73 20.78 12.18 -10.38
CA GLU B 73 21.32 12.61 -9.09
C GLU B 73 21.60 14.12 -9.08
N GLN B 74 22.19 14.61 -10.16
CA GLN B 74 22.43 16.05 -10.28
C GLN B 74 21.13 16.87 -10.25
N VAL B 75 20.09 16.41 -10.93
CA VAL B 75 18.80 17.08 -10.92
C VAL B 75 18.16 17.15 -9.53
N VAL B 76 18.09 16.00 -8.87
CA VAL B 76 17.54 15.94 -7.51
C VAL B 76 18.36 16.76 -6.51
N ASN B 77 19.68 16.69 -6.64
CA ASN B 77 20.58 17.51 -5.82
C ASN B 77 20.19 19.00 -5.82
N GLU B 78 19.71 19.49 -6.95
CA GLU B 78 19.22 20.87 -7.03
C GLU B 78 18.04 21.14 -6.11
N LEU B 79 17.24 20.12 -5.90
CA LEU B 79 16.08 20.30 -5.03
C LEU B 79 16.56 20.47 -3.60
N PHE B 80 17.73 19.89 -3.29
CA PHE B 80 18.29 19.84 -1.94
C PHE B 80 19.48 20.80 -1.79
N ARG B 81 19.61 21.74 -2.72
CA ARG B 81 20.73 22.67 -2.73
C ARG B 81 20.91 23.37 -1.37
N ASP B 82 19.84 23.88 -0.81
CA ASP B 82 19.96 24.58 0.47
C ASP B 82 19.83 23.62 1.68
N GLY B 83 20.02 22.33 1.47
CA GLY B 83 20.05 21.40 2.57
C GLY B 83 18.87 20.44 2.57
N VAL B 84 19.01 19.35 3.31
CA VAL B 84 17.96 18.35 3.46
C VAL B 84 17.16 18.56 4.72
N ASN B 85 15.85 18.48 4.60
CA ASN B 85 14.96 18.55 5.75
C ASN B 85 13.72 17.72 5.41
N TRP B 86 12.84 17.47 6.37
CA TRP B 86 11.72 16.55 6.15
C TRP B 86 10.84 17.00 4.97
N GLY B 87 10.49 18.29 4.97
CA GLY B 87 9.67 18.88 3.94
C GLY B 87 10.30 18.69 2.57
N ARG B 88 11.62 18.87 2.47
CA ARG B 88 12.28 18.65 1.17
C ARG B 88 12.18 17.17 0.77
N ILE B 89 12.23 16.28 1.75
CA ILE B 89 12.18 14.85 1.44
C ILE B 89 10.80 14.46 0.91
N VAL B 90 9.76 15.03 1.50
CA VAL B 90 8.42 14.84 0.97
C VAL B 90 8.35 15.34 -0.49
N ALA B 91 8.87 16.54 -0.72
CA ALA B 91 8.91 17.12 -2.07
C ALA B 91 9.54 16.17 -3.10
N PHE B 92 10.63 15.55 -2.69
CA PHE B 92 11.34 14.62 -3.54
C PHE B 92 10.37 13.52 -4.00
N PHE B 93 9.62 12.92 -3.10
CA PHE B 93 8.66 11.89 -3.48
C PHE B 93 7.58 12.42 -4.44
N SER B 94 7.03 13.57 -4.08
CA SER B 94 5.97 14.22 -4.87
C SER B 94 6.38 14.56 -6.32
N PHE B 95 7.61 15.01 -6.47
CA PHE B 95 8.14 15.30 -7.78
C PHE B 95 8.38 14.02 -8.60
N GLY B 96 8.89 13.00 -7.94
CA GLY B 96 9.02 11.71 -8.59
C GLY B 96 7.68 11.16 -9.05
N GLY B 97 6.72 11.14 -8.14
CA GLY B 97 5.36 10.77 -8.49
C GLY B 97 4.74 11.52 -9.67
N ALA B 98 4.82 12.84 -9.63
CA ALA B 98 4.25 13.64 -10.69
C ALA B 98 4.94 13.36 -12.04
N LEU B 99 6.24 13.08 -11.98
CA LEU B 99 7.00 12.91 -13.18
C LEU B 99 6.61 11.57 -13.81
N CYS B 100 6.36 10.60 -12.96
CA CYS B 100 5.86 9.31 -13.42
C CYS B 100 4.53 9.46 -14.12
N VAL B 101 3.65 10.28 -13.57
CA VAL B 101 2.32 10.42 -14.12
C VAL B 101 2.45 11.04 -15.50
N GLU B 102 3.30 12.06 -15.62
CA GLU B 102 3.51 12.70 -16.92
C GLU B 102 4.04 11.69 -17.91
N SER B 103 4.90 10.79 -17.42
CA SER B 103 5.50 9.81 -18.31
C SER B 103 4.41 8.90 -18.86
N VAL B 104 3.39 8.66 -18.05
CA VAL B 104 2.29 7.83 -18.50
C VAL B 104 1.42 8.67 -19.45
N ASP B 105 1.16 9.92 -19.09
CA ASP B 105 0.43 10.85 -19.98
C ASP B 105 1.08 10.94 -21.37
N LYS B 106 2.41 10.99 -21.37
CA LYS B 106 3.16 11.20 -22.61
C LYS B 106 3.50 9.88 -23.30
N GLU B 107 2.90 8.80 -22.81
CA GLU B 107 3.11 7.46 -23.39
C GLU B 107 4.56 7.00 -23.39
N MET B 108 5.27 7.29 -22.31
CA MET B 108 6.57 6.71 -22.02
C MET B 108 6.55 6.04 -20.66
N GLN B 109 5.70 5.01 -20.53
CA GLN B 109 5.57 4.24 -19.29
C GLN B 109 6.91 3.70 -18.83
N VAL B 110 7.78 3.40 -19.80
CA VAL B 110 9.08 2.75 -19.59
C VAL B 110 9.93 3.49 -18.57
N LEU B 111 9.67 4.79 -18.45
CA LEU B 111 10.45 5.69 -17.62
C LEU B 111 10.06 5.55 -16.14
N VAL B 112 8.84 5.10 -15.91
CA VAL B 112 8.35 4.95 -14.56
C VAL B 112 9.24 4.02 -13.72
N SER B 113 9.64 2.90 -14.28
CA SER B 113 10.35 1.93 -13.45
C SER B 113 11.80 2.38 -13.31
N ARG B 114 12.27 3.09 -14.32
CA ARG B 114 13.55 3.79 -14.27
C ARG B 114 13.55 4.82 -13.14
N ILE B 115 12.50 5.62 -13.05
CA ILE B 115 12.37 6.57 -11.97
C ILE B 115 12.29 5.87 -10.60
N ALA B 116 11.51 4.79 -10.49
CA ALA B 116 11.46 4.07 -9.21
C ALA B 116 12.85 3.67 -8.76
N ALA B 117 13.64 3.17 -9.70
CA ALA B 117 14.91 2.58 -9.32
C ALA B 117 15.91 3.67 -8.97
N TRP B 118 15.89 4.77 -9.75
CA TRP B 118 16.71 5.95 -9.47
C TRP B 118 16.40 6.49 -8.08
N MET B 119 15.10 6.58 -7.75
CA MET B 119 14.63 7.18 -6.50
C MET B 119 15.03 6.32 -5.33
N ALA B 120 15.04 5.00 -5.57
CA ALA B 120 15.40 4.06 -4.50
C ALA B 120 16.88 4.15 -4.15
N THR B 121 17.69 4.30 -5.20
CA THR B 121 19.13 4.47 -5.04
C THR B 121 19.43 5.78 -4.31
N TYR B 122 18.83 6.86 -4.76
CA TYR B 122 19.00 8.18 -4.14
C TYR B 122 18.57 8.19 -2.67
N LEU B 123 17.43 7.55 -2.39
CA LEU B 123 16.95 7.41 -1.04
C LEU B 123 17.97 6.63 -0.20
N ASN B 124 18.44 5.53 -0.77
CA ASN B 124 19.41 4.68 -0.12
C ASN B 124 20.71 5.39 0.24
N ASP B 125 21.24 6.16 -0.69
CA ASP B 125 22.60 6.70 -0.59
C ASP B 125 22.67 8.13 -0.02
N HIS B 126 21.62 8.91 -0.26
CA HIS B 126 21.62 10.29 0.11
C HIS B 126 20.71 10.57 1.31
N LEU B 127 19.45 10.16 1.22
CA LEU B 127 18.45 10.64 2.19
C LEU B 127 18.32 9.79 3.45
N GLU B 128 18.28 8.45 3.30
CA GLU B 128 18.20 7.60 4.50
C GLU B 128 19.34 7.82 5.52
N PRO B 129 20.58 7.98 5.05
CA PRO B 129 21.60 8.34 6.05
C PRO B 129 21.28 9.60 6.86
N TRP B 130 20.77 10.65 6.21
CA TRP B 130 20.35 11.88 6.89
C TRP B 130 19.23 11.56 7.87
N ILE B 131 18.31 10.73 7.43
CA ILE B 131 17.18 10.34 8.21
C ILE B 131 17.69 9.68 9.50
N GLN B 132 18.70 8.83 9.37
CA GLN B 132 19.26 8.13 10.55
C GLN B 132 19.98 9.04 11.55
N GLU B 133 20.39 10.21 11.10
CA GLU B 133 21.04 11.18 11.97
C GLU B 133 20.04 12.16 12.52
N ASN B 134 18.79 12.09 12.08
CA ASN B 134 17.76 13.07 12.52
C ASN B 134 16.51 12.49 13.15
N GLY B 135 16.62 11.32 13.77
CA GLY B 135 15.53 10.78 14.53
C GLY B 135 14.93 9.53 13.91
N GLY B 136 15.41 9.14 12.73
CA GLY B 136 15.03 7.86 12.13
C GLY B 136 13.65 7.85 11.47
N TRP B 137 13.25 6.69 10.97
CA TRP B 137 11.95 6.58 10.32
C TRP B 137 10.77 6.76 11.26
N ASP B 138 10.95 6.49 12.55
CA ASP B 138 9.90 6.71 13.54
C ASP B 138 9.61 8.19 13.69
N THR B 139 10.66 9.02 13.61
CA THR B 139 10.49 10.48 13.68
C THR B 139 9.70 10.95 12.45
N PHE B 140 9.90 10.34 11.30
CA PHE B 140 9.03 10.66 10.17
C PHE B 140 7.56 10.32 10.43
N VAL B 141 7.33 9.19 11.11
CA VAL B 141 5.97 8.73 11.39
C VAL B 141 5.29 9.63 12.44
N GLU B 142 6.04 10.09 13.43
CA GLU B 142 5.48 11.02 14.41
C GLU B 142 5.02 12.31 13.75
N LEU B 143 5.83 12.80 12.83
CA LEU B 143 5.61 14.11 12.23
C LEU B 143 4.59 14.10 11.11
N TYR B 144 4.39 12.96 10.44
CA TYR B 144 3.54 12.97 9.27
C TYR B 144 2.45 11.91 9.28
N GLY B 145 2.55 10.95 10.16
CA GLY B 145 1.64 9.83 10.16
C GLY B 145 0.49 10.12 11.10
N ASN B 146 -0.41 9.15 11.29
CA ASN B 146 -1.59 9.38 12.10
C ASN B 146 -1.66 8.49 13.34
N ASN B 147 -0.48 8.23 13.93
CA ASN B 147 -0.22 7.54 15.20
C ASN B 147 1.02 6.66 15.04
#